data_8BT1
#
_entry.id   8BT1
#
_cell.length_a   45.570
_cell.length_b   64.256
_cell.length_c   63.910
_cell.angle_alpha   66.830
_cell.angle_beta   89.360
_cell.angle_gamma   77.672
#
_symmetry.space_group_name_H-M   'P 1'
#
loop_
_entity.id
_entity.type
_entity.pdbx_description
1 polymer 'YdaT_toxin domain-containing protein'
2 non-polymer GLYCEROL
3 non-polymer 'CHLORIDE ION'
4 non-polymer 'SULFATE ION'
5 water water
#
_entity_poly.entity_id   1
_entity_poly.type   'polypeptide(L)'
_entity_poly.pdbx_seq_one_letter_code
;MGSSHHHHHHSSGENLYFQGASKIKHEHIRMAMNVWAHPDGEKVPAAKITKAYFELGMTFPELYDDSHPEALARNTQKIF
RWLDKDTPDAVEKMQALLPAIEKAMPPLLVARMRSHSSEYYREIVERRDRLVKDVDDFVASAVVLYDQMNRGGPAGNAVV
MH
;
_entity_poly.pdbx_strand_id   A,B,C,D
#
# COMPACT_ATOMS: atom_id res chain seq x y z
C SER A 22 -8.66 7.41 33.35
N LYS A 23 -8.09 7.54 32.15
CA LYS A 23 -8.81 7.63 30.87
C LYS A 23 -8.66 6.37 30.02
N ILE A 24 -7.49 5.76 29.96
CA ILE A 24 -7.35 4.52 29.20
C ILE A 24 -7.88 3.41 30.11
N LYS A 25 -8.99 2.80 29.71
CA LYS A 25 -9.69 1.87 30.58
C LYS A 25 -8.89 0.59 30.80
N HIS A 26 -8.96 0.11 32.03
CA HIS A 26 -8.20 -1.09 32.40
C HIS A 26 -8.37 -2.18 31.36
N GLU A 27 -9.61 -2.35 30.86
CA GLU A 27 -9.88 -3.39 29.87
C GLU A 27 -9.13 -3.19 28.56
N HIS A 28 -8.81 -1.95 28.21
CA HIS A 28 -8.16 -1.79 26.92
C HIS A 28 -6.67 -2.03 27.05
N ILE A 29 -6.10 -1.68 28.19
CA ILE A 29 -4.74 -2.13 28.46
C ILE A 29 -4.71 -3.64 28.37
N ARG A 30 -5.69 -4.30 28.98
CA ARG A 30 -5.69 -5.76 28.96
C ARG A 30 -5.75 -6.27 27.54
N MET A 31 -6.66 -5.72 26.73
CA MET A 31 -6.74 -6.13 25.33
C MET A 31 -5.40 -5.96 24.63
N ALA A 32 -4.85 -4.74 24.67
CA ALA A 32 -3.60 -4.51 23.94
C ALA A 32 -2.49 -5.38 24.47
N MET A 33 -2.46 -5.62 25.77
CA MET A 33 -1.42 -6.42 26.36
C MET A 33 -1.49 -7.86 25.89
N ASN A 34 -2.70 -8.40 25.75
CA ASN A 34 -2.87 -9.77 25.28
C ASN A 34 -2.50 -9.91 23.81
N VAL A 35 -2.84 -8.91 23.01
CA VAL A 35 -2.42 -8.93 21.61
C VAL A 35 -0.90 -8.92 21.52
N TRP A 36 -0.25 -8.12 22.37
CA TRP A 36 1.21 -8.06 22.38
C TRP A 36 1.80 -9.39 22.82
N ALA A 37 1.15 -10.09 23.76
CA ALA A 37 1.70 -11.34 24.27
C ALA A 37 1.44 -12.52 23.36
N HIS A 38 0.46 -12.40 22.45
CA HIS A 38 0.00 -13.57 21.71
C HIS A 38 1.06 -14.21 20.83
N PRO A 39 1.81 -13.46 20.02
CA PRO A 39 2.80 -14.11 19.14
C PRO A 39 3.84 -14.92 19.89
N ASP A 40 4.50 -14.34 20.92
CA ASP A 40 5.61 -14.99 21.60
C ASP A 40 5.43 -15.11 23.11
N GLY A 41 4.25 -14.83 23.64
CA GLY A 41 4.01 -15.04 25.06
C GLY A 41 4.14 -13.76 25.87
N GLU A 42 3.88 -13.90 27.16
CA GLU A 42 3.89 -12.71 27.99
C GLU A 42 5.30 -12.26 28.32
N LYS A 43 6.27 -13.18 28.35
CA LYS A 43 7.62 -12.83 28.77
C LYS A 43 8.20 -11.70 27.91
N VAL A 44 7.81 -11.62 26.64
CA VAL A 44 8.31 -10.57 25.75
C VAL A 44 7.76 -9.21 26.18
N PRO A 45 6.45 -9.04 26.27
CA PRO A 45 5.93 -7.77 26.81
C PRO A 45 6.49 -7.49 28.20
N ALA A 46 6.44 -8.47 29.08
CA ALA A 46 6.97 -8.28 30.43
C ALA A 46 8.42 -7.77 30.40
N ALA A 47 9.28 -8.39 29.61
CA ALA A 47 10.69 -7.97 29.56
C ALA A 47 10.84 -6.53 29.12
N LYS A 48 10.21 -6.17 27.99
CA LYS A 48 10.32 -4.81 27.47
C LYS A 48 9.69 -3.77 28.41
N ILE A 49 8.56 -4.11 29.03
CA ILE A 49 7.96 -3.16 29.97
C ILE A 49 8.91 -2.87 31.12
N THR A 50 9.51 -3.92 31.68
CA THR A 50 10.45 -3.74 32.77
C THR A 50 11.61 -2.88 32.33
N LYS A 51 12.19 -3.17 31.17
CA LYS A 51 13.33 -2.39 30.71
C LYS A 51 12.99 -0.91 30.64
N ALA A 52 11.81 -0.59 30.10
CA ALA A 52 11.44 0.82 29.99
C ALA A 52 11.11 1.38 31.35
N TYR A 53 10.55 0.55 32.23
CA TYR A 53 10.20 0.97 33.58
C TYR A 53 11.42 1.47 34.33
N PHE A 54 12.52 0.71 34.29
CA PHE A 54 13.73 1.18 34.97
C PHE A 54 14.34 2.36 34.22
N GLU A 55 14.34 2.33 32.88
CA GLU A 55 14.76 3.53 32.14
C GLU A 55 14.02 4.77 32.60
N LEU A 56 12.74 4.67 32.89
CA LEU A 56 12.06 5.88 33.31
C LEU A 56 12.28 6.16 34.80
N GLY A 57 13.12 5.37 35.46
CA GLY A 57 13.36 5.50 36.88
C GLY A 57 12.04 5.43 37.66
N MET A 58 11.28 4.37 37.48
CA MET A 58 9.99 4.28 38.15
C MET A 58 10.12 3.38 39.38
N THR A 59 9.12 3.45 40.26
CA THR A 59 9.13 2.67 41.50
C THR A 59 7.79 2.01 41.82
N PHE A 60 6.68 2.44 41.21
CA PHE A 60 5.36 1.88 41.43
C PHE A 60 4.68 1.56 40.11
N PRO A 61 4.17 0.32 39.92
CA PRO A 61 4.24 -0.70 40.96
C PRO A 61 5.63 -1.32 41.04
N GLU A 62 5.83 -2.27 41.96
CA GLU A 62 7.13 -2.84 42.17
C GLU A 62 7.41 -3.88 41.09
N LEU A 63 8.57 -3.75 40.46
CA LEU A 63 9.06 -4.73 39.52
C LEU A 63 10.49 -5.04 39.94
N TYR A 64 10.87 -6.31 39.86
CA TYR A 64 12.18 -6.72 40.30
C TYR A 64 13.25 -6.27 39.28
N ASP A 65 14.30 -5.64 39.76
CA ASP A 65 15.41 -5.31 38.86
C ASP A 65 16.17 -6.57 38.46
N ASP A 66 17.22 -6.43 37.64
CA ASP A 66 17.91 -7.60 37.10
C ASP A 66 18.78 -8.32 38.11
N SER A 67 18.96 -7.79 39.31
CA SER A 67 19.80 -8.49 40.25
C SER A 67 19.07 -9.71 40.79
N HIS A 68 17.75 -9.76 40.58
CA HIS A 68 16.96 -10.93 40.93
C HIS A 68 17.07 -11.92 39.78
N PRO A 69 17.54 -13.14 40.03
CA PRO A 69 17.74 -14.10 38.92
C PRO A 69 16.44 -14.56 38.31
N GLU A 70 15.30 -14.29 38.96
CA GLU A 70 14.00 -14.67 38.44
C GLU A 70 13.09 -13.44 38.28
N ALA A 71 13.71 -12.27 38.11
CA ALA A 71 12.95 -11.05 37.89
C ALA A 71 11.90 -11.25 36.81
N LEU A 72 12.33 -11.76 35.65
CA LEU A 72 11.44 -11.84 34.49
C LEU A 72 10.22 -12.71 34.77
N ALA A 73 10.44 -13.95 35.25
CA ALA A 73 9.29 -14.79 35.58
C ALA A 73 8.41 -14.09 36.64
N ARG A 74 9.02 -13.43 37.63
CA ARG A 74 8.24 -12.74 38.65
C ARG A 74 7.56 -11.51 38.09
N ASN A 75 8.30 -10.68 37.37
CA ASN A 75 7.70 -9.48 36.80
C ASN A 75 6.57 -9.85 35.83
N THR A 76 6.76 -10.93 35.07
CA THR A 76 5.71 -11.39 34.17
C THR A 76 4.47 -11.81 34.94
N GLN A 77 4.63 -12.70 35.92
CA GLN A 77 3.48 -13.16 36.67
C GLN A 77 2.74 -11.98 37.28
N LYS A 78 3.49 -11.03 37.85
CA LYS A 78 2.90 -9.85 38.46
C LYS A 78 2.08 -9.05 37.45
N ILE A 79 2.74 -8.63 36.37
CA ILE A 79 2.12 -7.68 35.44
C ILE A 79 0.80 -8.21 34.94
N PHE A 80 0.75 -9.50 34.59
CA PHE A 80 -0.48 -10.05 34.04
C PHE A 80 -1.48 -10.48 35.11
N ARG A 81 -1.06 -10.63 36.38
CA ARG A 81 -2.06 -10.80 37.42
C ARG A 81 -2.85 -9.51 37.58
N TRP A 82 -2.15 -8.37 37.69
CA TRP A 82 -2.85 -7.09 37.82
C TRP A 82 -3.73 -6.82 36.60
N LEU A 83 -3.18 -7.07 35.43
CA LEU A 83 -3.92 -6.83 34.20
C LEU A 83 -5.21 -7.62 34.19
N ASP A 84 -5.18 -8.84 34.74
CA ASP A 84 -6.35 -9.69 34.72
C ASP A 84 -7.27 -9.50 35.92
N LYS A 85 -6.84 -8.83 36.98
CA LYS A 85 -7.76 -8.52 38.07
C LYS A 85 -8.47 -7.20 37.78
N ASP A 86 -9.60 -6.98 38.47
CA ASP A 86 -10.41 -5.77 38.34
C ASP A 86 -10.54 -5.01 39.65
N THR A 87 -9.76 -5.37 40.66
CA THR A 87 -9.77 -4.65 41.91
C THR A 87 -9.19 -3.25 41.71
N PRO A 88 -9.55 -2.32 42.60
CA PRO A 88 -8.97 -0.97 42.53
C PRO A 88 -7.47 -0.96 42.69
N ASP A 89 -6.90 -1.85 43.51
CA ASP A 89 -5.45 -1.88 43.62
C ASP A 89 -4.82 -2.26 42.29
N ALA A 90 -5.37 -3.25 41.60
CA ALA A 90 -4.77 -3.69 40.35
C ALA A 90 -5.00 -2.66 39.25
N VAL A 91 -6.22 -2.12 39.15
CA VAL A 91 -6.49 -1.04 38.20
C VAL A 91 -5.50 0.10 38.41
N GLU A 92 -5.26 0.48 39.66
CA GLU A 92 -4.34 1.58 39.91
C GLU A 92 -2.92 1.24 39.46
N LYS A 93 -2.47 0.03 39.77
CA LYS A 93 -1.10 -0.35 39.44
C LYS A 93 -0.86 -0.33 37.94
N MET A 94 -1.82 -0.80 37.14
CA MET A 94 -1.64 -0.70 35.68
CA MET A 94 -1.68 -0.70 35.68
C MET A 94 -1.64 0.76 35.24
N GLN A 95 -2.46 1.61 35.84
CA GLN A 95 -2.43 3.03 35.48
C GLN A 95 -1.07 3.62 35.74
N ALA A 96 -0.43 3.21 36.84
CA ALA A 96 0.90 3.74 37.15
C ALA A 96 1.90 3.30 36.10
N LEU A 97 1.74 2.07 35.61
CA LEU A 97 2.67 1.45 34.68
C LEU A 97 2.52 1.99 33.25
N LEU A 98 1.44 2.71 32.96
CA LEU A 98 1.20 3.20 31.60
C LEU A 98 2.42 3.85 30.97
N PRO A 99 3.14 4.75 31.65
CA PRO A 99 4.34 5.35 31.03
C PRO A 99 5.31 4.33 30.48
N ALA A 100 5.53 3.22 31.20
CA ALA A 100 6.47 2.19 30.77
C ALA A 100 5.92 1.37 29.61
N ILE A 101 4.61 1.06 29.65
CA ILE A 101 3.99 0.28 28.58
C ILE A 101 4.05 1.03 27.26
N GLU A 102 3.69 2.31 27.32
CA GLU A 102 3.64 3.13 26.12
C GLU A 102 5.03 3.30 25.52
N LYS A 103 6.06 3.48 26.36
CA LYS A 103 7.40 3.60 25.80
C LYS A 103 7.81 2.31 25.12
N ALA A 104 7.30 1.16 25.59
CA ALA A 104 7.79 -0.15 25.17
C ALA A 104 6.89 -0.85 24.16
N MET A 105 5.61 -0.54 24.14
CA MET A 105 4.69 -1.25 23.28
C MET A 105 4.97 -0.86 21.83
N PRO A 106 4.72 -1.75 20.88
CA PRO A 106 4.79 -1.37 19.47
C PRO A 106 3.84 -0.21 19.19
N PRO A 107 4.29 0.82 18.49
CA PRO A 107 3.46 2.03 18.35
C PRO A 107 2.06 1.76 17.83
N LEU A 108 1.93 0.82 16.88
CA LEU A 108 0.62 0.51 16.34
C LEU A 108 -0.30 -0.10 17.40
N LEU A 109 0.27 -0.89 18.32
CA LEU A 109 -0.53 -1.45 19.42
C LEU A 109 -0.89 -0.40 20.47
N VAL A 110 0.03 0.53 20.77
CA VAL A 110 -0.33 1.64 21.65
C VAL A 110 -1.51 2.39 21.07
N ALA A 111 -1.52 2.57 19.76
CA ALA A 111 -2.61 3.33 19.16
C ALA A 111 -3.95 2.62 19.34
N ARG A 112 -3.99 1.29 19.17
CA ARG A 112 -5.24 0.61 19.46
C ARG A 112 -5.63 0.78 20.92
N MET A 113 -4.66 0.65 21.81
CA MET A 113 -4.95 0.79 23.23
C MET A 113 -5.56 2.15 23.50
N ARG A 114 -5.05 3.19 22.84
CA ARG A 114 -5.52 4.56 23.04
C ARG A 114 -6.78 4.91 22.25
N SER A 115 -7.13 4.09 21.26
CA SER A 115 -8.18 4.42 20.30
C SER A 115 -9.56 4.57 20.93
N HIS A 116 -9.79 3.98 22.10
CA HIS A 116 -11.11 4.09 22.70
C HIS A 116 -11.29 5.36 23.52
N SER A 117 -10.23 6.13 23.73
CA SER A 117 -10.29 7.36 24.50
C SER A 117 -9.71 8.56 23.78
N SER A 118 -9.15 8.39 22.57
CA SER A 118 -8.50 9.49 21.86
C SER A 118 -8.90 9.43 20.39
N GLU A 119 -9.58 10.48 19.91
CA GLU A 119 -10.07 10.50 18.54
C GLU A 119 -8.93 10.42 17.52
N TYR A 120 -7.81 11.08 17.79
CA TYR A 120 -6.65 10.98 16.92
C TYR A 120 -6.26 9.54 16.70
N TYR A 121 -6.04 8.79 17.79
CA TYR A 121 -5.57 7.41 17.63
C TYR A 121 -6.64 6.53 17.03
N ARG A 122 -7.90 6.74 17.42
CA ARG A 122 -8.98 6.07 16.71
C ARG A 122 -8.85 6.29 15.20
N GLU A 123 -8.61 7.53 14.79
CA GLU A 123 -8.38 7.77 13.37
C GLU A 123 -7.15 7.02 12.87
N ILE A 124 -6.09 6.96 13.68
CA ILE A 124 -4.90 6.25 13.24
C ILE A 124 -5.24 4.80 12.90
N VAL A 125 -5.89 4.08 13.82
CA VAL A 125 -6.17 2.67 13.56
C VAL A 125 -7.13 2.56 12.39
N GLU A 126 -8.12 3.46 12.30
CA GLU A 126 -8.99 3.42 11.13
C GLU A 126 -8.17 3.56 9.86
N ARG A 127 -7.16 4.44 9.86
CA ARG A 127 -6.34 4.58 8.66
C ARG A 127 -5.56 3.31 8.39
N ARG A 128 -4.93 2.76 9.44
CA ARG A 128 -4.27 1.48 9.31
C ARG A 128 -5.25 0.46 8.75
N ASP A 129 -6.43 0.34 9.37
CA ASP A 129 -7.38 -0.65 8.90
C ASP A 129 -7.76 -0.39 7.45
N ARG A 130 -7.91 0.88 7.09
CA ARG A 130 -8.30 1.22 5.73
C ARG A 130 -7.25 0.74 4.74
N LEU A 131 -5.98 0.97 5.07
CA LEU A 131 -4.89 0.54 4.21
C LEU A 131 -4.86 -0.97 4.03
N VAL A 132 -4.98 -1.73 5.12
CA VAL A 132 -4.89 -3.18 4.88
C VAL A 132 -6.12 -3.66 4.14
N LYS A 133 -7.29 -3.05 4.37
CA LYS A 133 -8.41 -3.41 3.50
C LYS A 133 -8.08 -3.06 2.05
N ASP A 134 -7.41 -1.92 1.83
CA ASP A 134 -6.92 -1.57 0.49
C ASP A 134 -6.01 -2.66 -0.05
N VAL A 135 -5.13 -3.17 0.79
CA VAL A 135 -4.22 -4.22 0.37
C VAL A 135 -5.00 -5.47 0.00
N ASP A 136 -5.89 -5.91 0.88
CA ASP A 136 -6.58 -7.17 0.65
C ASP A 136 -7.42 -7.12 -0.62
N ASP A 137 -8.14 -6.02 -0.83
CA ASP A 137 -8.93 -5.88 -2.07
C ASP A 137 -8.02 -5.89 -3.28
N PHE A 138 -6.87 -5.25 -3.17
CA PHE A 138 -5.91 -5.24 -4.26
C PHE A 138 -5.41 -6.64 -4.55
N VAL A 139 -4.86 -7.31 -3.53
CA VAL A 139 -4.34 -8.64 -3.78
C VAL A 139 -5.43 -9.53 -4.35
N ALA A 140 -6.63 -9.47 -3.78
CA ALA A 140 -7.72 -10.30 -4.28
C ALA A 140 -7.97 -10.04 -5.75
N SER A 141 -7.96 -8.77 -6.19
CA SER A 141 -8.21 -8.49 -7.60
C SER A 141 -7.17 -9.16 -8.49
N ALA A 142 -5.94 -9.33 -7.99
CA ALA A 142 -4.90 -10.01 -8.76
C ALA A 142 -5.11 -11.51 -8.81
N VAL A 143 -5.69 -12.08 -7.75
CA VAL A 143 -5.84 -13.52 -7.66
C VAL A 143 -6.67 -14.07 -8.81
N VAL A 144 -6.31 -15.28 -9.23
CA VAL A 144 -6.95 -15.99 -10.33
C VAL A 144 -7.45 -17.32 -9.79
N LEU A 145 -8.77 -17.44 -9.62
CA LEU A 145 -9.38 -18.61 -9.00
C LEU A 145 -9.98 -18.22 -7.64
C SER B 22 -7.21 -8.22 -30.24
N LYS B 23 -6.91 -7.22 -29.40
CA LYS B 23 -7.58 -7.05 -28.12
C LYS B 23 -7.45 -5.62 -27.59
N ILE B 24 -6.25 -5.05 -27.68
CA ILE B 24 -6.00 -3.67 -27.26
C ILE B 24 -6.30 -2.72 -28.41
N LYS B 25 -7.32 -1.87 -28.24
CA LYS B 25 -7.72 -0.96 -29.33
C LYS B 25 -6.62 0.06 -29.57
N HIS B 26 -6.45 0.44 -30.84
CA HIS B 26 -5.41 1.41 -31.20
C HIS B 26 -5.48 2.63 -30.29
N GLU B 27 -6.71 3.10 -30.01
CA GLU B 27 -6.88 4.32 -29.24
C GLU B 27 -6.25 4.20 -27.86
N HIS B 28 -6.17 2.97 -27.33
CA HIS B 28 -5.64 2.74 -25.99
C HIS B 28 -4.11 2.71 -25.97
N ILE B 29 -3.47 2.19 -27.02
CA ILE B 29 -2.04 2.36 -27.12
C ILE B 29 -1.71 3.85 -27.11
N ARG B 30 -2.53 4.66 -27.81
CA ARG B 30 -2.25 6.08 -27.93
C ARG B 30 -2.22 6.74 -26.56
N MET B 31 -3.27 6.51 -25.75
CA MET B 31 -3.34 7.08 -24.41
C MET B 31 -2.13 6.68 -23.56
N ALA B 32 -1.88 5.39 -23.44
CA ALA B 32 -0.76 4.93 -22.61
C ALA B 32 0.56 5.47 -23.17
N MET B 33 0.65 5.57 -24.49
CA MET B 33 1.87 6.07 -25.10
C MET B 33 2.09 7.54 -24.80
N ASN B 34 1.01 8.34 -24.81
CA ASN B 34 1.17 9.76 -24.51
C ASN B 34 1.53 9.99 -23.05
N VAL B 35 0.97 9.20 -22.13
CA VAL B 35 1.36 9.34 -20.73
C VAL B 35 2.81 8.94 -20.55
N TRP B 36 3.25 7.92 -21.29
CA TRP B 36 4.64 7.46 -21.18
C TRP B 36 5.60 8.55 -21.63
N ALA B 37 5.23 9.32 -22.66
CA ALA B 37 6.09 10.32 -23.25
C ALA B 37 6.08 11.65 -22.52
N HIS B 38 5.05 11.94 -21.72
CA HIS B 38 4.94 13.28 -21.16
C HIS B 38 6.10 13.61 -20.23
N PRO B 39 6.52 12.73 -19.32
CA PRO B 39 7.63 13.11 -18.43
C PRO B 39 8.88 13.53 -19.19
N ASP B 40 9.37 12.71 -20.12
CA ASP B 40 10.68 12.97 -20.71
C ASP B 40 10.64 13.06 -22.23
N GLY B 41 9.48 13.09 -22.84
CA GLY B 41 9.41 13.19 -24.28
C GLY B 41 9.19 11.82 -24.91
N GLU B 42 9.07 11.84 -26.23
CA GLU B 42 8.78 10.62 -26.98
C GLU B 42 10.03 9.80 -27.23
N LYS B 43 11.20 10.43 -27.27
CA LYS B 43 12.42 9.69 -27.57
C LYS B 43 12.66 8.61 -26.52
N VAL B 44 12.23 8.84 -25.29
CA VAL B 44 12.45 7.85 -24.22
C VAL B 44 11.61 6.60 -24.52
N PRO B 45 10.30 6.72 -24.69
CA PRO B 45 9.52 5.54 -25.08
C PRO B 45 10.00 4.91 -26.39
N ALA B 46 10.22 5.71 -27.42
CA ALA B 46 10.69 5.16 -28.69
C ALA B 46 11.97 4.34 -28.47
N ALA B 47 12.94 4.89 -27.74
CA ALA B 47 14.19 4.17 -27.49
C ALA B 47 13.92 2.85 -26.77
N LYS B 48 13.17 2.90 -25.66
CA LYS B 48 12.86 1.65 -24.95
C LYS B 48 12.10 0.69 -25.87
N ILE B 49 11.18 1.20 -26.69
CA ILE B 49 10.47 0.35 -27.64
C ILE B 49 11.46 -0.31 -28.59
N THR B 50 12.37 0.49 -29.13
CA THR B 50 13.32 -0.06 -30.08
C THR B 50 14.16 -1.16 -29.41
N LYS B 51 14.62 -0.91 -28.18
CA LYS B 51 15.44 -1.91 -27.51
C LYS B 51 14.70 -3.25 -27.44
N ALA B 52 13.42 -3.22 -27.04
CA ALA B 52 12.65 -4.46 -26.95
C ALA B 52 12.32 -5.00 -28.34
N TYR B 53 12.12 -4.11 -29.30
CA TYR B 53 11.84 -4.54 -30.67
C TYR B 53 12.95 -5.46 -31.16
N PHE B 54 14.20 -5.02 -31.00
CA PHE B 54 15.32 -5.84 -31.46
C PHE B 54 15.59 -7.03 -30.55
N GLU B 55 15.56 -6.84 -29.23
CA GLU B 55 15.70 -7.99 -28.34
C GLU B 55 14.75 -9.12 -28.73
N LEU B 56 13.54 -8.77 -29.17
CA LEU B 56 12.53 -9.73 -29.60
C LEU B 56 12.71 -10.19 -31.06
N GLY B 57 13.77 -9.74 -31.73
CA GLY B 57 14.05 -10.10 -33.11
C GLY B 57 12.90 -9.83 -34.06
N MET B 58 12.45 -8.59 -34.12
CA MET B 58 11.30 -8.24 -34.95
C MET B 58 11.77 -7.55 -36.22
N THR B 59 10.87 -7.54 -37.20
CA THR B 59 11.13 -6.89 -38.47
C THR B 59 9.96 -6.07 -39.00
N PHE B 60 8.73 -6.28 -38.51
CA PHE B 60 7.59 -5.50 -38.94
C PHE B 60 6.86 -4.94 -37.73
N PRO B 61 6.59 -3.62 -37.70
CA PRO B 61 7.02 -2.79 -38.82
C PRO B 61 8.52 -2.53 -38.74
N GLU B 62 9.07 -1.77 -39.69
CA GLU B 62 10.52 -1.55 -39.69
C GLU B 62 10.91 -0.40 -38.77
N LEU B 63 11.88 -0.66 -37.91
CA LEU B 63 12.52 0.32 -37.05
C LEU B 63 14.01 0.18 -37.25
N TYR B 64 14.70 1.31 -37.27
CA TYR B 64 16.10 1.34 -37.64
C TYR B 64 17.02 0.94 -36.50
N ASP B 65 17.92 -0.01 -36.76
CA ASP B 65 19.01 -0.25 -35.82
C ASP B 65 19.99 0.93 -35.86
N ASP B 66 21.06 0.83 -35.06
CA ASP B 66 21.98 1.96 -34.93
C ASP B 66 22.80 2.19 -36.18
N SER B 67 22.68 1.33 -37.19
CA SER B 67 23.48 1.50 -38.41
C SER B 67 22.88 2.56 -39.32
N HIS B 68 21.64 2.93 -39.11
CA HIS B 68 20.98 3.98 -39.85
C HIS B 68 21.20 5.31 -39.14
N PRO B 69 21.42 6.41 -39.86
CA PRO B 69 21.68 7.68 -39.18
C PRO B 69 20.43 8.17 -38.46
N GLU B 70 20.65 8.90 -37.36
CA GLU B 70 19.54 9.48 -36.61
C GLU B 70 18.45 8.44 -36.33
N ALA B 71 18.86 7.18 -36.14
CA ALA B 71 17.89 6.08 -35.94
C ALA B 71 16.82 6.44 -34.90
N LEU B 72 17.25 6.87 -33.72
CA LEU B 72 16.26 7.13 -32.65
C LEU B 72 15.25 8.19 -33.09
N ALA B 73 15.74 9.31 -33.61
CA ALA B 73 14.82 10.34 -34.06
C ALA B 73 13.86 9.80 -35.12
N ARG B 74 14.38 9.05 -36.09
CA ARG B 74 13.53 8.50 -37.13
C ARG B 74 12.56 7.47 -36.56
N ASN B 75 13.04 6.57 -35.67
CA ASN B 75 12.12 5.65 -35.02
C ASN B 75 11.07 6.41 -34.21
N THR B 76 11.49 7.44 -33.47
CA THR B 76 10.54 8.18 -32.64
C THR B 76 9.45 8.79 -33.49
N GLN B 77 9.84 9.49 -34.56
CA GLN B 77 8.86 10.11 -35.43
C GLN B 77 7.93 9.06 -36.02
N LYS B 78 8.49 7.92 -36.42
CA LYS B 78 7.71 6.83 -36.98
C LYS B 78 6.67 6.36 -35.98
N ILE B 79 7.11 5.91 -34.81
CA ILE B 79 6.20 5.32 -33.85
C ILE B 79 5.06 6.28 -33.56
N PHE B 80 5.37 7.55 -33.35
CA PHE B 80 4.31 8.46 -32.94
C PHE B 80 3.48 8.96 -34.10
N ARG B 81 3.97 8.85 -35.33
CA ARG B 81 3.11 9.10 -36.47
C ARG B 81 2.02 8.04 -36.55
N TRP B 82 2.40 6.77 -36.43
CA TRP B 82 1.41 5.70 -36.42
C TRP B 82 0.42 5.89 -35.28
N LEU B 83 0.90 6.34 -34.12
CA LEU B 83 0.03 6.52 -32.97
C LEU B 83 -1.09 7.52 -33.23
N ASP B 84 -0.79 8.61 -33.94
CA ASP B 84 -1.79 9.65 -34.13
C ASP B 84 -2.69 9.43 -35.33
N LYS B 85 -2.26 8.64 -36.30
CA LYS B 85 -3.12 8.37 -37.44
C LYS B 85 -4.06 7.22 -37.12
N ASP B 86 -5.14 7.12 -37.88
CA ASP B 86 -6.15 6.09 -37.66
C ASP B 86 -6.35 5.20 -38.87
N THR B 87 -5.48 5.28 -39.87
CA THR B 87 -5.60 4.42 -41.03
C THR B 87 -5.44 2.96 -40.62
N PRO B 88 -5.97 2.04 -41.42
CA PRO B 88 -5.70 0.62 -41.16
C PRO B 88 -4.21 0.31 -41.16
N ASP B 89 -3.42 1.05 -41.93
CA ASP B 89 -1.99 0.85 -41.90
C ASP B 89 -1.40 1.29 -40.58
N ALA B 90 -1.72 2.52 -40.15
CA ALA B 90 -1.24 2.98 -38.85
C ALA B 90 -1.64 2.00 -37.74
N VAL B 91 -2.92 1.62 -37.71
CA VAL B 91 -3.42 0.67 -36.73
C VAL B 91 -2.69 -0.65 -36.83
N GLU B 92 -2.46 -1.13 -38.05
CA GLU B 92 -1.81 -2.43 -38.21
C GLU B 92 -0.40 -2.42 -37.67
N LYS B 93 0.37 -1.38 -37.99
CA LYS B 93 1.75 -1.32 -37.51
C LYS B 93 1.81 -1.21 -35.99
N MET B 94 0.93 -0.40 -35.39
CA MET B 94 0.93 -0.32 -33.94
CA MET B 94 0.89 -0.31 -33.93
C MET B 94 0.59 -1.66 -33.32
N GLN B 95 -0.33 -2.42 -33.92
CA GLN B 95 -0.69 -3.74 -33.42
C GLN B 95 0.49 -4.69 -33.50
N ALA B 96 1.28 -4.61 -34.59
CA ALA B 96 2.45 -5.48 -34.70
C ALA B 96 3.47 -5.13 -33.63
N LEU B 97 3.54 -3.87 -33.26
CA LEU B 97 4.50 -3.36 -32.29
C LEU B 97 4.17 -3.70 -30.86
N LEU B 98 2.94 -4.15 -30.56
CA LEU B 98 2.59 -4.37 -29.17
C LEU B 98 3.61 -5.21 -28.43
N PRO B 99 4.09 -6.33 -28.98
CA PRO B 99 5.07 -7.13 -28.23
C PRO B 99 6.23 -6.30 -27.73
N ALA B 100 6.72 -5.37 -28.56
CA ALA B 100 7.81 -4.52 -28.10
C ALA B 100 7.33 -3.50 -27.07
N ILE B 101 6.16 -2.89 -27.29
CA ILE B 101 5.69 -1.86 -26.38
C ILE B 101 5.45 -2.43 -24.99
N GLU B 102 4.73 -3.54 -24.92
CA GLU B 102 4.43 -4.11 -23.61
C GLU B 102 5.70 -4.62 -22.94
N LYS B 103 6.60 -5.24 -23.71
CA LYS B 103 7.86 -5.68 -23.13
C LYS B 103 8.68 -4.51 -22.60
N ALA B 104 8.46 -3.31 -23.15
CA ALA B 104 9.27 -2.14 -22.90
C ALA B 104 8.66 -1.20 -21.87
N MET B 105 7.39 -1.24 -21.70
CA MET B 105 6.66 -0.28 -20.91
C MET B 105 6.72 -0.63 -19.41
N PRO B 106 6.63 0.36 -18.53
CA PRO B 106 6.46 0.06 -17.10
C PRO B 106 5.30 -0.90 -16.93
N PRO B 107 5.46 -1.98 -16.16
CA PRO B 107 4.37 -2.95 -16.07
C PRO B 107 3.06 -2.30 -15.66
N LEU B 108 3.13 -1.30 -14.77
CA LEU B 108 1.90 -0.63 -14.36
C LEU B 108 1.23 0.06 -15.54
N LEU B 109 2.04 0.61 -16.44
CA LEU B 109 1.46 1.27 -17.60
C LEU B 109 0.80 0.25 -18.53
N VAL B 110 1.39 -0.95 -18.65
CA VAL B 110 0.74 -2.01 -19.44
C VAL B 110 -0.64 -2.29 -18.87
N ALA B 111 -0.74 -2.37 -17.54
CA ALA B 111 -2.03 -2.66 -16.94
C ALA B 111 -3.03 -1.55 -17.22
N ARG B 112 -2.58 -0.29 -17.15
CA ARG B 112 -3.49 0.81 -17.50
C ARG B 112 -3.97 0.66 -18.92
N MET B 113 -3.04 0.36 -19.83
CA MET B 113 -3.41 0.17 -21.22
C MET B 113 -4.44 -0.94 -21.38
N ARG B 114 -4.26 -2.04 -20.66
CA ARG B 114 -5.13 -3.18 -20.83
C ARG B 114 -6.46 -2.98 -20.12
N SER B 115 -6.52 -2.01 -19.20
CA SER B 115 -7.71 -1.82 -18.39
C SER B 115 -8.92 -1.42 -19.22
N HIS B 116 -8.73 -0.84 -20.40
CA HIS B 116 -9.90 -0.48 -21.18
C HIS B 116 -10.52 -1.67 -21.87
N SER B 117 -9.83 -2.82 -21.89
CA SER B 117 -10.31 -4.02 -22.57
C SER B 117 -10.36 -5.25 -21.67
N SER B 118 -9.90 -5.15 -20.42
CA SER B 118 -9.86 -6.31 -19.52
C SER B 118 -10.34 -5.88 -18.14
N GLU B 119 -11.47 -6.44 -17.70
CA GLU B 119 -11.94 -6.09 -16.36
C GLU B 119 -10.92 -6.49 -15.31
N TYR B 120 -10.18 -7.57 -15.55
CA TYR B 120 -9.14 -7.99 -14.62
C TYR B 120 -8.23 -6.79 -14.30
N TYR B 121 -7.64 -6.20 -15.34
CA TYR B 121 -6.67 -5.13 -15.15
C TYR B 121 -7.31 -3.83 -14.69
N ARG B 122 -8.52 -3.52 -15.15
CA ARG B 122 -9.24 -2.35 -14.64
C ARG B 122 -9.37 -2.41 -13.13
N GLU B 123 -9.81 -3.55 -12.58
CA GLU B 123 -9.91 -3.66 -11.12
C GLU B 123 -8.54 -3.54 -10.46
N ILE B 124 -7.52 -4.19 -11.02
CA ILE B 124 -6.20 -4.09 -10.42
C ILE B 124 -5.69 -2.66 -10.41
N VAL B 125 -5.75 -1.96 -11.55
CA VAL B 125 -5.21 -0.59 -11.52
C VAL B 125 -6.04 0.26 -10.57
N GLU B 126 -7.37 0.14 -10.64
CA GLU B 126 -8.22 0.92 -9.76
C GLU B 126 -7.88 0.63 -8.29
N ARG B 127 -7.72 -0.65 -7.92
CA ARG B 127 -7.39 -0.98 -6.54
C ARG B 127 -5.97 -0.56 -6.18
N ARG B 128 -5.06 -0.63 -7.14
CA ARG B 128 -3.71 -0.12 -6.88
C ARG B 128 -3.75 1.38 -6.61
N ASP B 129 -4.49 2.12 -7.44
CA ASP B 129 -4.53 3.57 -7.27
C ASP B 129 -5.10 3.95 -5.91
N ARG B 130 -6.13 3.24 -5.44
CA ARG B 130 -6.71 3.61 -4.16
C ARG B 130 -5.70 3.38 -3.03
N LEU B 131 -5.00 2.26 -3.08
CA LEU B 131 -4.03 2.02 -2.02
C LEU B 131 -2.95 3.09 -2.02
N VAL B 132 -2.45 3.45 -3.19
CA VAL B 132 -1.38 4.43 -3.21
C VAL B 132 -1.88 5.84 -2.82
N LYS B 133 -3.10 6.21 -3.23
CA LYS B 133 -3.64 7.49 -2.78
C LYS B 133 -3.85 7.51 -1.28
N ASP B 134 -4.46 6.45 -0.74
CA ASP B 134 -4.66 6.36 0.70
C ASP B 134 -3.31 6.42 1.46
N VAL B 135 -2.28 5.75 0.94
CA VAL B 135 -0.96 5.91 1.57
C VAL B 135 -0.56 7.38 1.52
N ASP B 136 -0.51 7.96 0.32
CA ASP B 136 0.02 9.32 0.20
C ASP B 136 -0.83 10.31 0.99
N ASP B 137 -2.14 10.13 1.03
CA ASP B 137 -2.91 11.05 1.86
C ASP B 137 -2.42 11.00 3.30
N PHE B 138 -2.06 9.82 3.78
CA PHE B 138 -1.59 9.74 5.16
C PHE B 138 -0.25 10.49 5.30
N VAL B 139 0.65 10.31 4.34
CA VAL B 139 1.85 11.12 4.35
C VAL B 139 1.47 12.60 4.43
N ALA B 140 0.43 13.01 3.69
CA ALA B 140 -0.03 14.39 3.77
C ALA B 140 -0.48 14.74 5.17
N SER B 141 -1.25 13.87 5.81
CA SER B 141 -1.70 14.20 7.15
C SER B 141 -0.52 14.36 8.11
N ALA B 142 0.57 13.64 7.87
CA ALA B 142 1.70 13.78 8.78
C ALA B 142 2.41 15.10 8.56
N VAL B 143 2.50 15.54 7.30
CA VAL B 143 3.13 16.83 7.03
C VAL B 143 2.33 17.94 7.68
N VAL B 144 1.01 17.81 7.66
CA VAL B 144 0.17 18.83 8.29
C VAL B 144 0.36 18.81 9.80
N LEU B 145 0.45 17.63 10.41
CA LEU B 145 0.69 17.57 11.84
C LEU B 145 1.90 18.42 12.23
N TYR B 146 3.00 18.32 11.48
CA TYR B 146 4.15 19.19 11.74
C TYR B 146 3.72 20.63 11.69
N ASP B 147 3.37 21.11 10.49
CA ASP B 147 3.12 22.54 10.31
C ASP B 147 2.06 23.10 11.24
N GLN B 148 1.29 22.25 11.92
CA GLN B 148 0.38 22.74 12.96
C GLN B 148 1.13 22.80 14.31
N MET B 149 2.32 22.22 14.35
CA MET B 149 3.15 22.20 15.55
N SER C 22 -7.13 -35.15 -3.57
CA SER C 22 -6.96 -34.58 -2.23
C SER C 22 -5.59 -33.88 -2.12
N LYS C 23 -5.31 -32.94 -3.02
CA LYS C 23 -4.16 -32.07 -2.83
C LYS C 23 -4.39 -31.13 -1.65
N ILE C 24 -5.58 -30.55 -1.55
CA ILE C 24 -5.88 -29.65 -0.44
C ILE C 24 -6.30 -30.48 0.76
N LYS C 25 -5.49 -30.46 1.80
CA LYS C 25 -5.76 -31.29 2.96
C LYS C 25 -7.01 -30.80 3.66
N HIS C 26 -7.79 -31.76 4.15
CA HIS C 26 -9.02 -31.49 4.88
C HIS C 26 -8.80 -30.46 5.97
N GLU C 27 -7.67 -30.56 6.69
CA GLU C 27 -7.44 -29.65 7.81
C GLU C 27 -7.35 -28.20 7.34
N HIS C 28 -6.92 -27.98 6.11
CA HIS C 28 -6.75 -26.61 5.61
C HIS C 28 -8.06 -26.02 5.09
N ILE C 29 -8.93 -26.84 4.49
CA ILE C 29 -10.28 -26.38 4.22
C ILE C 29 -10.95 -25.95 5.52
N ARG C 30 -10.78 -26.74 6.58
CA ARG C 30 -11.39 -26.38 7.87
C ARG C 30 -10.84 -25.06 8.40
N MET C 31 -9.51 -24.93 8.44
CA MET C 31 -8.92 -23.67 8.90
C MET C 31 -9.50 -22.52 8.10
N ALA C 32 -9.42 -22.62 6.76
CA ALA C 32 -9.92 -21.53 5.93
C ALA C 32 -11.40 -21.29 6.13
N MET C 33 -12.18 -22.37 6.28
CA MET C 33 -13.63 -22.23 6.46
C MET C 33 -13.97 -21.55 7.78
N ASN C 34 -13.23 -21.90 8.85
CA ASN C 34 -13.55 -21.32 10.15
C ASN C 34 -13.28 -19.82 10.19
N VAL C 35 -12.20 -19.36 9.54
CA VAL C 35 -11.99 -17.92 9.55
C VAL C 35 -13.10 -17.22 8.79
N TRP C 36 -13.56 -17.82 7.69
CA TRP C 36 -14.63 -17.21 6.92
C TRP C 36 -15.88 -17.09 7.76
N ALA C 37 -16.14 -18.08 8.61
CA ALA C 37 -17.35 -18.08 9.42
C ALA C 37 -17.19 -17.22 10.65
N HIS C 38 -15.95 -16.87 11.00
CA HIS C 38 -15.68 -16.23 12.28
C HIS C 38 -16.35 -14.88 12.43
N PRO C 39 -16.25 -13.93 11.50
CA PRO C 39 -16.85 -12.61 11.73
C PRO C 39 -18.35 -12.67 11.97
N ASP C 40 -19.11 -13.35 11.12
CA ASP C 40 -20.57 -13.26 11.13
C ASP C 40 -21.27 -14.61 11.26
N GLY C 41 -20.56 -15.68 11.57
CA GLY C 41 -21.18 -16.97 11.76
C GLY C 41 -21.05 -17.87 10.55
N GLU C 42 -21.56 -19.09 10.71
CA GLU C 42 -21.47 -20.11 9.67
C GLU C 42 -22.53 -19.94 8.59
N LYS C 43 -23.69 -19.34 8.92
CA LYS C 43 -24.77 -19.21 7.96
C LYS C 43 -24.34 -18.44 6.72
N VAL C 44 -23.39 -17.51 6.85
CA VAL C 44 -22.93 -16.72 5.71
C VAL C 44 -22.15 -17.63 4.76
N PRO C 45 -21.09 -18.30 5.22
CA PRO C 45 -20.42 -19.25 4.33
C PRO C 45 -21.36 -20.31 3.76
N ALA C 46 -22.19 -20.94 4.61
CA ALA C 46 -23.14 -21.92 4.09
C ALA C 46 -23.99 -21.31 2.98
N ALA C 47 -24.58 -20.14 3.25
CA ALA C 47 -25.46 -19.55 2.25
C ALA C 47 -24.70 -19.30 0.96
N LYS C 48 -23.57 -18.61 1.03
CA LYS C 48 -22.80 -18.32 -0.17
C LYS C 48 -22.30 -19.59 -0.85
N ILE C 49 -21.94 -20.61 -0.06
CA ILE C 49 -21.52 -21.86 -0.67
C ILE C 49 -22.69 -22.53 -1.37
N THR C 50 -23.85 -22.58 -0.71
CA THR C 50 -25.02 -23.19 -1.31
C THR C 50 -25.35 -22.53 -2.65
N LYS C 51 -25.31 -21.19 -2.69
CA LYS C 51 -25.61 -20.50 -3.93
C LYS C 51 -24.70 -20.96 -5.07
N ALA C 52 -23.40 -21.08 -4.81
CA ALA C 52 -22.48 -21.45 -5.87
C ALA C 52 -22.68 -22.91 -6.28
N TYR C 53 -23.07 -23.75 -5.32
CA TYR C 53 -23.37 -25.15 -5.58
C TYR C 53 -24.46 -25.28 -6.63
N PHE C 54 -25.57 -24.58 -6.43
CA PHE C 54 -26.63 -24.70 -7.42
C PHE C 54 -26.27 -23.98 -8.72
N GLU C 55 -25.68 -22.80 -8.62
CA GLU C 55 -25.19 -22.13 -9.84
C GLU C 55 -24.34 -23.08 -10.68
N LEU C 56 -23.54 -23.91 -10.02
CA LEU C 56 -22.68 -24.84 -10.73
C LEU C 56 -23.40 -26.14 -11.08
N GLY C 57 -24.70 -26.21 -10.82
CA GLY C 57 -25.44 -27.42 -11.10
C GLY C 57 -24.80 -28.62 -10.44
N MET C 58 -24.62 -28.59 -9.11
CA MET C 58 -23.95 -29.68 -8.42
C MET C 58 -24.96 -30.58 -7.76
N THR C 59 -24.53 -31.82 -7.50
CA THR C 59 -25.41 -32.83 -6.95
C THR C 59 -24.80 -33.65 -5.83
N PHE C 60 -23.48 -33.68 -5.68
CA PHE C 60 -22.83 -34.40 -4.61
C PHE C 60 -21.81 -33.45 -3.98
N PRO C 61 -21.84 -33.24 -2.66
CA PRO C 61 -22.75 -33.91 -1.71
C PRO C 61 -24.15 -33.29 -1.74
N GLU C 62 -25.08 -33.80 -0.95
CA GLU C 62 -26.44 -33.31 -1.01
C GLU C 62 -26.56 -32.01 -0.21
N LEU C 63 -27.08 -30.97 -0.87
CA LEU C 63 -27.44 -29.71 -0.24
C LEU C 63 -28.88 -29.41 -0.63
N TYR C 64 -29.68 -28.95 0.33
CA TYR C 64 -31.10 -28.81 0.06
C TYR C 64 -31.33 -27.62 -0.87
N ASP C 65 -32.11 -27.85 -1.94
CA ASP C 65 -32.40 -26.83 -2.94
C ASP C 65 -33.16 -25.66 -2.32
N ASP C 66 -33.54 -24.67 -3.15
CA ASP C 66 -34.10 -23.45 -2.59
C ASP C 66 -35.41 -23.71 -1.87
N SER C 67 -35.99 -24.90 -2.05
CA SER C 67 -37.36 -25.24 -1.66
C SER C 67 -37.57 -25.92 -0.30
N HIS C 68 -36.55 -26.42 0.38
CA HIS C 68 -36.84 -27.08 1.66
C HIS C 68 -37.02 -26.05 2.76
N PRO C 69 -37.54 -26.46 3.91
CA PRO C 69 -37.79 -25.49 4.99
C PRO C 69 -36.50 -24.93 5.58
N GLU C 70 -36.00 -25.57 6.63
CA GLU C 70 -34.77 -25.21 7.31
C GLU C 70 -33.52 -25.43 6.46
N ALA C 71 -33.63 -25.24 5.14
CA ALA C 71 -32.51 -25.50 4.25
C ALA C 71 -31.20 -24.89 4.74
N LEU C 72 -31.19 -23.58 4.98
CA LEU C 72 -29.91 -22.94 5.33
C LEU C 72 -29.36 -23.50 6.63
N ALA C 73 -30.19 -23.57 7.67
CA ALA C 73 -29.76 -24.15 8.93
C ALA C 73 -29.35 -25.61 8.75
N ARG C 74 -30.15 -26.37 8.00
CA ARG C 74 -29.79 -27.75 7.75
C ARG C 74 -28.51 -27.83 6.91
N ASN C 75 -28.43 -27.02 5.85
CA ASN C 75 -27.20 -26.94 5.05
C ASN C 75 -26.02 -26.47 5.88
N THR C 76 -26.23 -25.50 6.77
CA THR C 76 -25.14 -25.03 7.61
C THR C 76 -24.62 -26.16 8.48
N GLN C 77 -25.51 -26.86 9.18
CA GLN C 77 -25.06 -27.94 10.05
C GLN C 77 -24.35 -29.02 9.26
N LYS C 78 -24.91 -29.43 8.13
CA LYS C 78 -24.26 -30.45 7.31
C LYS C 78 -22.85 -30.01 6.92
N ILE C 79 -22.73 -28.84 6.29
CA ILE C 79 -21.41 -28.40 5.81
C ILE C 79 -20.40 -28.43 6.95
N PHE C 80 -20.79 -27.88 8.10
CA PHE C 80 -19.83 -27.80 9.18
C PHE C 80 -19.71 -29.08 9.99
N ARG C 81 -20.64 -30.03 9.86
CA ARG C 81 -20.40 -31.37 10.39
C ARG C 81 -19.28 -32.05 9.62
N TRP C 82 -19.34 -32.00 8.28
CA TRP C 82 -18.28 -32.61 7.47
C TRP C 82 -16.93 -31.97 7.74
N LEU C 83 -16.89 -30.64 7.90
CA LEU C 83 -15.63 -29.97 8.15
C LEU C 83 -14.99 -30.50 9.43
N ASP C 84 -15.82 -30.82 10.43
CA ASP C 84 -15.33 -31.21 11.74
C ASP C 84 -15.05 -32.71 11.89
N LYS C 85 -15.54 -33.55 10.97
CA LYS C 85 -15.25 -34.99 10.94
C LYS C 85 -14.00 -35.27 10.12
N ASP C 86 -13.41 -36.46 10.34
CA ASP C 86 -12.23 -36.90 9.60
C ASP C 86 -12.46 -38.22 8.87
N THR C 87 -13.70 -38.72 8.84
CA THR C 87 -14.00 -39.98 8.20
C THR C 87 -13.78 -39.86 6.70
N PRO C 88 -13.64 -41.00 6.01
CA PRO C 88 -13.49 -40.94 4.54
C PRO C 88 -14.63 -40.19 3.86
N ASP C 89 -15.87 -40.53 4.21
CA ASP C 89 -17.01 -39.85 3.59
C ASP C 89 -16.96 -38.35 3.85
N ALA C 90 -16.59 -37.92 5.06
CA ALA C 90 -16.52 -36.48 5.32
C ALA C 90 -15.47 -35.82 4.45
N VAL C 91 -14.26 -36.40 4.40
CA VAL C 91 -13.21 -35.82 3.56
C VAL C 91 -13.68 -35.71 2.12
N GLU C 92 -14.30 -36.78 1.59
CA GLU C 92 -14.69 -36.77 0.18
C GLU C 92 -15.75 -35.72 -0.08
N LYS C 93 -16.75 -35.62 0.79
CA LYS C 93 -17.81 -34.65 0.55
C LYS C 93 -17.26 -33.22 0.54
N MET C 94 -16.29 -32.92 1.41
CA MET C 94 -15.67 -31.59 1.36
CA MET C 94 -15.66 -31.60 1.36
C MET C 94 -14.84 -31.41 0.09
N GLN C 95 -14.05 -32.44 -0.29
CA GLN C 95 -13.34 -32.36 -1.56
C GLN C 95 -14.29 -32.11 -2.72
N ALA C 96 -15.43 -32.79 -2.74
CA ALA C 96 -16.40 -32.58 -3.82
C ALA C 96 -16.97 -31.17 -3.80
N LEU C 97 -17.08 -30.57 -2.62
CA LEU C 97 -17.66 -29.25 -2.45
C LEU C 97 -16.70 -28.13 -2.85
N LEU C 98 -15.40 -28.42 -3.00
CA LEU C 98 -14.40 -27.39 -3.28
C LEU C 98 -14.76 -26.45 -4.42
N PRO C 99 -15.20 -26.93 -5.58
CA PRO C 99 -15.57 -25.98 -6.65
C PRO C 99 -16.55 -24.93 -6.19
N ALA C 100 -17.51 -25.30 -5.34
CA ALA C 100 -18.43 -24.29 -4.85
C ALA C 100 -17.75 -23.38 -3.84
N ILE C 101 -16.96 -23.97 -2.94
CA ILE C 101 -16.28 -23.20 -1.91
C ILE C 101 -15.38 -22.16 -2.55
N GLU C 102 -14.64 -22.57 -3.58
CA GLU C 102 -13.76 -21.61 -4.25
C GLU C 102 -14.54 -20.53 -4.99
N LYS C 103 -15.67 -20.87 -5.62
CA LYS C 103 -16.45 -19.82 -6.29
C LYS C 103 -17.00 -18.82 -5.30
N ALA C 104 -17.21 -19.24 -4.06
CA ALA C 104 -17.90 -18.40 -3.08
C ALA C 104 -16.97 -17.77 -2.06
N MET C 105 -15.84 -18.38 -1.77
CA MET C 105 -15.01 -17.90 -0.69
C MET C 105 -14.29 -16.62 -1.08
N PRO C 106 -14.05 -15.73 -0.12
CA PRO C 106 -13.18 -14.58 -0.39
C PRO C 106 -11.86 -15.00 -0.97
N PRO C 107 -11.46 -14.39 -2.08
CA PRO C 107 -10.24 -14.87 -2.80
C PRO C 107 -8.99 -14.90 -1.93
N LEU C 108 -8.83 -13.95 -1.03
CA LEU C 108 -7.65 -13.95 -0.19
C LEU C 108 -7.60 -15.22 0.67
N LEU C 109 -8.76 -15.67 1.16
CA LEU C 109 -8.79 -16.90 1.94
C LEU C 109 -8.59 -18.13 1.06
N VAL C 110 -9.08 -18.09 -0.18
CA VAL C 110 -8.83 -19.22 -1.07
C VAL C 110 -7.34 -19.43 -1.21
N ALA C 111 -6.59 -18.34 -1.41
CA ALA C 111 -5.15 -18.48 -1.56
C ALA C 111 -4.54 -19.02 -0.28
N ARG C 112 -5.02 -18.54 0.87
CA ARG C 112 -4.54 -19.05 2.15
C ARG C 112 -4.81 -20.54 2.26
N MET C 113 -6.02 -20.97 1.89
CA MET C 113 -6.41 -22.36 1.96
C MET C 113 -5.50 -23.25 1.11
N ARG C 114 -5.17 -22.79 -0.09
CA ARG C 114 -4.40 -23.55 -1.07
C ARG C 114 -2.90 -23.43 -0.91
N SER C 115 -2.43 -22.50 -0.07
CA SER C 115 -1.00 -22.15 -0.02
C SER C 115 -0.10 -23.31 0.37
N HIS C 116 -0.63 -24.31 1.07
CA HIS C 116 0.19 -25.46 1.46
C HIS C 116 0.32 -26.49 0.36
N SER C 117 -0.41 -26.31 -0.76
CA SER C 117 -0.38 -27.26 -1.86
C SER C 117 -0.09 -26.63 -3.21
N SER C 118 0.04 -25.30 -3.28
CA SER C 118 0.26 -24.58 -4.53
C SER C 118 1.26 -23.45 -4.32
N GLU C 119 2.41 -23.50 -5.03
CA GLU C 119 3.40 -22.44 -4.90
C GLU C 119 2.85 -21.08 -5.34
N TYR C 120 2.00 -21.06 -6.36
CA TYR C 120 1.39 -19.79 -6.75
C TYR C 120 0.74 -19.12 -5.54
N TYR C 121 -0.16 -19.83 -4.86
CA TYR C 121 -0.91 -19.25 -3.77
C TYR C 121 -0.02 -18.97 -2.56
N ARG C 122 0.97 -19.81 -2.29
CA ARG C 122 1.97 -19.47 -1.29
C ARG C 122 2.59 -18.11 -1.60
N GLU C 123 2.99 -17.92 -2.85
CA GLU C 123 3.56 -16.64 -3.25
C GLU C 123 2.55 -15.50 -3.08
N ILE C 124 1.29 -15.72 -3.43
CA ILE C 124 0.30 -14.69 -3.23
C ILE C 124 0.24 -14.32 -1.76
N VAL C 125 0.10 -15.33 -0.89
CA VAL C 125 -0.08 -15.09 0.53
C VAL C 125 1.15 -14.42 1.13
N GLU C 126 2.36 -14.87 0.73
CA GLU C 126 3.58 -14.20 1.19
C GLU C 126 3.63 -12.74 0.76
N ARG C 127 3.38 -12.47 -0.53
CA ARG C 127 3.37 -11.07 -0.98
C ARG C 127 2.37 -10.25 -0.19
N ARG C 128 1.19 -10.82 0.07
CA ARG C 128 0.19 -10.10 0.85
C ARG C 128 0.69 -9.77 2.25
N ASP C 129 1.19 -10.76 2.97
CA ASP C 129 1.59 -10.52 4.35
C ASP C 129 2.70 -9.48 4.42
N ARG C 130 3.62 -9.48 3.44
CA ARG C 130 4.64 -8.45 3.42
C ARG C 130 4.02 -7.07 3.22
N LEU C 131 3.04 -6.98 2.34
CA LEU C 131 2.42 -5.67 2.11
C LEU C 131 1.79 -5.15 3.40
N VAL C 132 1.14 -6.02 4.17
CA VAL C 132 0.53 -5.60 5.44
C VAL C 132 1.59 -5.19 6.46
N LYS C 133 2.71 -5.93 6.51
CA LYS C 133 3.81 -5.43 7.34
C LYS C 133 4.34 -4.11 6.79
N ASP C 134 4.48 -4.01 5.47
CA ASP C 134 4.85 -2.72 4.88
C ASP C 134 3.94 -1.62 5.41
N VAL C 135 2.64 -1.89 5.40
CA VAL C 135 1.68 -0.90 5.89
C VAL C 135 1.96 -0.59 7.35
N ASP C 136 2.09 -1.64 8.18
CA ASP C 136 2.24 -1.44 9.62
C ASP C 136 3.51 -0.68 9.93
N ASP C 137 4.61 -0.99 9.23
CA ASP C 137 5.81 -0.19 9.42
C ASP C 137 5.53 1.26 9.11
N PHE C 138 4.79 1.50 8.03
CA PHE C 138 4.50 2.86 7.63
C PHE C 138 3.69 3.61 8.68
N VAL C 139 2.53 3.07 9.06
CA VAL C 139 1.72 3.77 10.07
C VAL C 139 2.50 3.96 11.36
N ALA C 140 3.26 2.93 11.76
CA ALA C 140 4.06 3.07 12.97
C ALA C 140 5.01 4.24 12.83
N SER C 141 5.62 4.38 11.66
CA SER C 141 6.57 5.48 11.50
C SER C 141 5.87 6.81 11.60
N ALA C 142 4.60 6.87 11.19
CA ALA C 142 3.84 8.10 11.29
C ALA C 142 3.43 8.38 12.72
N VAL C 143 3.08 7.32 13.46
CA VAL C 143 2.67 7.49 14.84
C VAL C 143 3.76 8.17 15.65
N VAL C 144 5.01 8.09 15.20
CA VAL C 144 6.17 8.67 15.85
C VAL C 144 6.91 7.56 16.56
N LYS D 23 16.62 25.30 8.54
CA LYS D 23 16.54 23.86 8.74
C LYS D 23 16.77 23.10 7.43
N ILE D 24 16.13 23.53 6.36
CA ILE D 24 16.24 22.86 5.06
C ILE D 24 17.44 23.42 4.31
N LYS D 25 18.45 22.59 4.07
CA LYS D 25 19.65 23.07 3.38
C LYS D 25 19.33 23.45 1.94
N HIS D 26 19.98 24.51 1.47
CA HIS D 26 19.70 25.04 0.13
C HIS D 26 19.73 23.97 -0.95
N GLU D 27 20.73 23.09 -0.93
CA GLU D 27 20.83 22.10 -2.00
C GLU D 27 19.65 21.13 -1.97
N HIS D 28 19.05 20.91 -0.81
CA HIS D 28 17.92 19.97 -0.70
C HIS D 28 16.62 20.60 -1.16
N ILE D 29 16.44 21.90 -0.95
CA ILE D 29 15.35 22.60 -1.62
C ILE D 29 15.47 22.43 -3.13
N ARG D 30 16.70 22.49 -3.65
CA ARG D 30 16.92 22.36 -5.09
C ARG D 30 16.50 20.98 -5.59
N MET D 31 16.92 19.92 -4.91
CA MET D 31 16.51 18.58 -5.33
C MET D 31 15.00 18.48 -5.41
N ALA D 32 14.31 18.86 -4.33
CA ALA D 32 12.86 18.76 -4.30
C ALA D 32 12.23 19.61 -5.39
N MET D 33 12.80 20.80 -5.63
CA MET D 33 12.24 21.68 -6.64
C MET D 33 12.37 21.09 -8.04
N ASN D 34 13.50 20.46 -8.34
CA ASN D 34 13.67 19.90 -9.67
C ASN D 34 12.77 18.70 -9.92
N VAL D 35 12.54 17.86 -8.90
CA VAL D 35 11.60 16.74 -9.09
C VAL D 35 10.20 17.27 -9.33
N TRP D 36 9.84 18.37 -8.67
CA TRP D 36 8.55 18.98 -8.90
C TRP D 36 8.44 19.50 -10.32
N ALA D 37 9.53 20.00 -10.87
CA ALA D 37 9.55 20.55 -12.21
C ALA D 37 9.67 19.49 -13.29
N HIS D 38 10.01 18.25 -12.91
CA HIS D 38 10.36 17.23 -13.91
C HIS D 38 9.22 16.86 -14.85
N PRO D 39 8.02 16.53 -14.37
CA PRO D 39 6.94 16.11 -15.30
C PRO D 39 6.53 17.16 -16.32
N ASP D 40 6.18 18.38 -15.88
CA ASP D 40 5.57 19.36 -16.78
C ASP D 40 6.33 20.67 -16.85
N GLY D 41 7.56 20.74 -16.34
CA GLY D 41 8.37 21.93 -16.47
C GLY D 41 8.39 22.79 -15.21
N GLU D 42 9.17 23.88 -15.33
CA GLU D 42 9.39 24.81 -14.23
C GLU D 42 8.23 25.78 -14.03
N LYS D 43 7.48 26.07 -15.10
CA LYS D 43 6.39 27.02 -14.98
C LYS D 43 5.32 26.52 -14.00
N VAL D 44 5.14 25.20 -13.90
CA VAL D 44 4.09 24.65 -13.04
C VAL D 44 4.41 24.95 -11.58
N PRO D 45 5.54 24.46 -11.04
CA PRO D 45 5.91 24.83 -9.66
C PRO D 45 5.96 26.32 -9.43
N ALA D 46 6.61 27.06 -10.34
CA ALA D 46 6.64 28.52 -10.22
C ALA D 46 5.23 29.06 -10.05
N ALA D 47 4.31 28.61 -10.90
CA ALA D 47 2.93 29.08 -10.81
C ALA D 47 2.33 28.76 -9.45
N LYS D 48 2.45 27.49 -9.01
CA LYS D 48 1.90 27.12 -7.71
C LYS D 48 2.58 27.92 -6.61
N ILE D 49 3.87 28.17 -6.74
CA ILE D 49 4.58 28.98 -5.74
C ILE D 49 4.02 30.40 -5.72
N THR D 50 3.78 30.98 -6.89
CA THR D 50 3.30 32.37 -6.95
C THR D 50 1.98 32.52 -6.21
N LYS D 51 1.02 31.63 -6.45
CA LYS D 51 -0.24 31.72 -5.74
C LYS D 51 -0.03 31.65 -4.23
N ALA D 52 0.85 30.75 -3.78
CA ALA D 52 1.07 30.56 -2.34
C ALA D 52 1.82 31.73 -1.70
N TYR D 53 2.77 32.32 -2.42
CA TYR D 53 3.45 33.50 -1.90
C TYR D 53 2.47 34.61 -1.61
N PHE D 54 1.58 34.88 -2.57
CA PHE D 54 0.58 35.93 -2.37
C PHE D 54 -0.48 35.50 -1.34
N GLU D 55 -0.95 34.25 -1.44
CA GLU D 55 -1.82 33.71 -0.41
C GLU D 55 -1.21 33.87 0.98
N LEU D 56 0.11 33.68 1.11
CA LEU D 56 0.82 33.79 2.37
C LEU D 56 1.33 35.19 2.70
N GLY D 57 1.05 36.20 1.86
CA GLY D 57 1.45 37.57 2.13
C GLY D 57 2.93 37.87 2.37
N MET D 58 3.79 37.54 1.41
CA MET D 58 5.23 37.72 1.55
C MET D 58 5.72 38.92 0.75
N THR D 59 6.93 39.36 1.09
CA THR D 59 7.57 40.49 0.43
C THR D 59 9.01 40.20 0.05
N PHE D 60 9.65 39.21 0.66
CA PHE D 60 10.99 38.79 0.32
C PHE D 60 10.93 37.27 0.16
N PRO D 61 11.39 36.74 -0.98
CA PRO D 61 11.93 37.64 -2.00
C PRO D 61 10.85 38.34 -2.83
N GLU D 62 11.30 39.21 -3.74
CA GLU D 62 10.40 39.98 -4.58
C GLU D 62 9.97 39.14 -5.78
N LEU D 63 8.65 39.05 -5.98
CA LEU D 63 8.10 38.40 -7.16
C LEU D 63 7.05 39.31 -7.80
N TYR D 64 7.06 39.35 -9.13
CA TYR D 64 6.24 40.32 -9.85
C TYR D 64 4.76 39.94 -9.74
N ASP D 65 3.93 40.90 -9.36
CA ASP D 65 2.50 40.66 -9.30
C ASP D 65 1.94 40.44 -10.70
N ASP D 66 0.63 40.22 -10.76
CA ASP D 66 -0.05 39.90 -12.01
C ASP D 66 -0.09 41.08 -12.96
N SER D 67 0.37 42.26 -12.51
CA SER D 67 0.29 43.46 -13.33
C SER D 67 1.38 43.49 -14.40
N HIS D 68 2.41 42.68 -14.25
CA HIS D 68 3.43 42.56 -15.28
C HIS D 68 2.97 41.51 -16.27
N PRO D 69 2.96 41.79 -17.58
CA PRO D 69 2.47 40.80 -18.54
C PRO D 69 3.40 39.62 -18.74
N GLU D 70 4.64 39.69 -18.24
CA GLU D 70 5.57 38.57 -18.31
C GLU D 70 6.00 38.13 -16.91
N ALA D 71 5.18 38.39 -15.90
CA ALA D 71 5.50 38.01 -14.52
C ALA D 71 5.86 36.52 -14.42
N LEU D 72 4.99 35.65 -14.92
CA LEU D 72 5.19 34.22 -14.71
C LEU D 72 6.54 33.77 -15.23
N ALA D 73 6.87 34.14 -16.47
CA ALA D 73 8.17 33.81 -17.02
C ALA D 73 9.29 34.44 -16.20
N ARG D 74 9.14 35.73 -15.86
CA ARG D 74 10.17 36.41 -15.07
C ARG D 74 10.25 35.81 -13.67
N ASN D 75 9.09 35.56 -13.05
CA ASN D 75 9.11 34.86 -11.77
C ASN D 75 9.73 33.49 -11.90
N THR D 76 9.42 32.78 -12.99
CA THR D 76 10.02 31.46 -13.19
C THR D 76 11.54 31.57 -13.25
N GLN D 77 12.05 32.48 -14.08
CA GLN D 77 13.49 32.68 -14.15
C GLN D 77 14.04 33.11 -12.79
N LYS D 78 13.30 33.99 -12.10
CA LYS D 78 13.74 34.45 -10.78
C LYS D 78 13.94 33.27 -9.83
N ILE D 79 12.87 32.49 -9.61
CA ILE D 79 12.91 31.43 -8.61
C ILE D 79 14.05 30.46 -8.90
N PHE D 80 14.21 30.06 -10.17
CA PHE D 80 15.16 29.02 -10.52
C PHE D 80 16.60 29.51 -10.67
N ARG D 81 16.81 30.83 -10.79
CA ARG D 81 18.18 31.34 -10.67
C ARG D 81 18.69 31.13 -9.25
N TRP D 82 17.88 31.48 -8.26
CA TRP D 82 18.27 31.28 -6.86
C TRP D 82 18.52 29.81 -6.55
N LEU D 83 17.64 28.92 -7.02
CA LEU D 83 17.82 27.49 -6.77
C LEU D 83 19.12 26.99 -7.40
N ASP D 84 19.49 27.53 -8.55
CA ASP D 84 20.68 27.02 -9.21
C ASP D 84 21.95 27.72 -8.75
N LYS D 85 21.83 28.92 -8.16
CA LYS D 85 23.02 29.58 -7.62
C LYS D 85 23.24 29.18 -6.17
N ASP D 86 24.48 29.32 -5.74
CA ASP D 86 24.89 28.98 -4.38
C ASP D 86 25.51 30.15 -3.64
N THR D 87 25.38 31.37 -4.17
CA THR D 87 25.93 32.54 -3.50
C THR D 87 25.22 32.74 -2.17
N PRO D 88 25.86 33.47 -1.25
CA PRO D 88 25.17 33.79 0.02
C PRO D 88 23.84 34.50 -0.18
N ASP D 89 23.77 35.41 -1.15
CA ASP D 89 22.51 36.10 -1.44
CA ASP D 89 22.53 36.10 -1.45
C ASP D 89 21.42 35.11 -1.81
N ALA D 90 21.71 34.20 -2.75
CA ALA D 90 20.70 33.28 -3.28
C ALA D 90 20.14 32.37 -2.19
N VAL D 91 21.01 31.80 -1.36
CA VAL D 91 20.53 30.97 -0.25
C VAL D 91 19.57 31.77 0.62
N GLU D 92 19.91 33.03 0.92
CA GLU D 92 19.08 33.85 1.79
C GLU D 92 17.71 34.07 1.16
N LYS D 93 17.67 34.37 -0.14
CA LYS D 93 16.39 34.57 -0.81
C LYS D 93 15.59 33.27 -0.81
N MET D 94 16.24 32.15 -1.14
CA MET D 94 15.53 30.88 -1.21
C MET D 94 15.04 30.43 0.15
N GLN D 95 15.76 30.75 1.22
CA GLN D 95 15.32 30.38 2.56
C GLN D 95 13.99 31.05 2.90
N ALA D 96 13.84 32.31 2.51
CA ALA D 96 12.60 33.03 2.79
C ALA D 96 11.43 32.47 2.00
N LEU D 97 11.68 31.97 0.80
CA LEU D 97 10.57 31.50 -0.02
C LEU D 97 9.99 30.17 0.44
N LEU D 98 10.71 29.42 1.29
CA LEU D 98 10.25 28.10 1.71
C LEU D 98 8.81 28.06 2.18
N PRO D 99 8.35 29.00 3.01
CA PRO D 99 6.92 28.96 3.41
C PRO D 99 6.00 28.86 2.20
N ALA D 100 6.33 29.56 1.11
CA ALA D 100 5.52 29.46 -0.10
C ALA D 100 5.72 28.11 -0.78
N ILE D 101 6.96 27.64 -0.85
CA ILE D 101 7.24 26.38 -1.51
C ILE D 101 6.50 25.25 -0.81
N GLU D 102 6.59 25.21 0.53
CA GLU D 102 5.94 24.15 1.27
C GLU D 102 4.43 24.26 1.20
N LYS D 103 3.88 25.48 1.21
CA LYS D 103 2.43 25.63 1.09
C LYS D 103 1.91 25.10 -0.25
N ALA D 104 2.72 25.15 -1.31
CA ALA D 104 2.28 24.83 -2.66
C ALA D 104 2.75 23.47 -3.15
N MET D 105 3.84 22.95 -2.60
CA MET D 105 4.46 21.74 -3.11
C MET D 105 3.59 20.53 -2.77
N PRO D 106 3.63 19.48 -3.59
CA PRO D 106 2.98 18.20 -3.22
C PRO D 106 3.47 17.72 -1.86
N PRO D 107 2.57 17.37 -0.94
CA PRO D 107 3.01 17.04 0.43
C PRO D 107 4.07 15.95 0.48
N LEU D 108 3.97 14.95 -0.39
CA LEU D 108 4.98 13.90 -0.41
C LEU D 108 6.35 14.47 -0.71
N LEU D 109 6.39 15.49 -1.57
CA LEU D 109 7.66 16.09 -1.95
C LEU D 109 8.24 16.92 -0.81
N VAL D 110 7.38 17.63 -0.05
CA VAL D 110 7.88 18.34 1.13
C VAL D 110 8.49 17.35 2.10
N ALA D 111 7.83 16.20 2.31
CA ALA D 111 8.40 15.22 3.22
C ALA D 111 9.75 14.75 2.71
N ARG D 112 9.90 14.56 1.40
CA ARG D 112 11.22 14.25 0.87
C ARG D 112 12.16 15.38 1.18
N MET D 113 11.70 16.61 0.96
CA MET D 113 12.51 17.78 1.25
C MET D 113 12.88 17.83 2.73
N ARG D 114 11.94 17.51 3.61
CA ARG D 114 12.26 17.60 5.02
C ARG D 114 13.07 16.40 5.50
N SER D 115 13.04 15.29 4.76
CA SER D 115 13.70 14.07 5.20
C SER D 115 15.21 14.24 5.28
N HIS D 116 15.77 15.24 4.61
CA HIS D 116 17.21 15.40 4.71
C HIS D 116 17.60 16.03 6.04
N SER D 117 16.64 16.53 6.81
CA SER D 117 16.88 17.16 8.09
C SER D 117 16.01 16.59 9.22
N SER D 118 15.13 15.64 8.93
CA SER D 118 14.19 15.14 9.92
C SER D 118 14.17 13.62 9.88
N GLU D 119 14.57 13.00 11.00
CA GLU D 119 14.51 11.55 11.09
C GLU D 119 13.09 11.05 10.98
N TYR D 120 12.13 11.80 11.53
CA TYR D 120 10.74 11.41 11.37
C TYR D 120 10.41 11.20 9.90
N TYR D 121 10.67 12.23 9.09
CA TYR D 121 10.30 12.15 7.67
C TYR D 121 11.18 11.18 6.90
N ARG D 122 12.48 11.10 7.24
CA ARG D 122 13.28 10.07 6.61
C ARG D 122 12.60 8.71 6.75
N GLU D 123 12.18 8.37 7.97
CA GLU D 123 11.49 7.11 8.18
C GLU D 123 10.15 7.04 7.47
N ILE D 124 9.34 8.09 7.57
CA ILE D 124 8.03 8.07 6.90
C ILE D 124 8.19 7.88 5.40
N VAL D 125 9.08 8.66 4.79
CA VAL D 125 9.25 8.56 3.34
C VAL D 125 9.77 7.17 2.99
N GLU D 126 10.77 6.68 3.73
CA GLU D 126 11.35 5.38 3.42
C GLU D 126 10.30 4.30 3.40
N ARG D 127 9.54 4.18 4.49
CA ARG D 127 8.55 3.14 4.57
CA ARG D 127 8.56 3.13 4.55
C ARG D 127 7.47 3.36 3.53
N ARG D 128 7.19 4.61 3.17
CA ARG D 128 6.25 4.85 2.08
C ARG D 128 6.80 4.25 0.80
N ASP D 129 8.04 4.59 0.47
CA ASP D 129 8.60 4.12 -0.79
C ASP D 129 8.66 2.60 -0.85
N ARG D 130 8.94 1.94 0.28
CA ARG D 130 9.03 0.49 0.26
C ARG D 130 7.67 -0.14 -0.01
N LEU D 131 6.63 0.36 0.65
CA LEU D 131 5.30 -0.21 0.45
C LEU D 131 4.86 -0.08 -1.00
N VAL D 132 5.03 1.11 -1.57
CA VAL D 132 4.62 1.31 -2.96
C VAL D 132 5.50 0.50 -3.92
N LYS D 133 6.80 0.43 -3.66
CA LYS D 133 7.63 -0.42 -4.51
C LYS D 133 7.17 -1.87 -4.45
N ASP D 134 6.91 -2.38 -3.23
CA ASP D 134 6.33 -3.70 -3.12
C ASP D 134 5.00 -3.75 -3.86
N VAL D 135 4.21 -2.68 -3.76
CA VAL D 135 2.92 -2.67 -4.45
C VAL D 135 3.14 -2.78 -5.95
N ASP D 136 3.96 -1.90 -6.50
CA ASP D 136 4.13 -1.94 -7.93
C ASP D 136 4.73 -3.28 -8.36
N ASP D 137 5.66 -3.82 -7.58
CA ASP D 137 6.26 -5.09 -7.94
C ASP D 137 5.20 -6.17 -8.07
N PHE D 138 4.20 -6.12 -7.19
CA PHE D 138 3.16 -7.12 -7.27
C PHE D 138 2.47 -7.02 -8.61
N VAL D 139 2.09 -5.80 -9.01
CA VAL D 139 1.52 -5.56 -10.34
C VAL D 139 2.44 -6.13 -11.43
N ALA D 140 3.76 -5.95 -11.29
CA ALA D 140 4.64 -6.54 -12.30
C ALA D 140 4.44 -8.05 -12.37
N SER D 141 4.42 -8.72 -11.21
CA SER D 141 4.30 -10.17 -11.23
C SER D 141 2.96 -10.64 -11.80
N ALA D 142 1.89 -9.85 -11.62
CA ALA D 142 0.60 -10.24 -12.18
C ALA D 142 0.53 -10.00 -13.68
N VAL D 143 1.10 -8.89 -14.16
CA VAL D 143 1.07 -8.65 -15.60
C VAL D 143 1.90 -9.70 -16.31
N VAL D 144 2.98 -10.16 -15.68
CA VAL D 144 3.82 -11.20 -16.27
C VAL D 144 3.05 -12.51 -16.35
N LEU D 145 2.58 -13.01 -15.21
CA LEU D 145 1.74 -14.20 -15.16
C LEU D 145 0.54 -14.11 -16.10
N TYR D 146 0.21 -12.93 -16.64
CA TYR D 146 -0.77 -12.87 -17.70
C TYR D 146 -0.34 -13.72 -18.88
N ASP D 147 0.95 -13.72 -19.20
CA ASP D 147 1.51 -14.65 -20.18
C ASP D 147 1.22 -16.08 -19.75
N GLN D 148 -0.03 -16.51 -19.91
CA GLN D 148 -0.49 -17.84 -19.52
C GLN D 148 -1.38 -18.42 -20.60
#